data_7SG6
#
_entry.id   7SG6
#
_cell.length_a   93.790
_cell.length_b   61.570
_cell.length_c   74.984
_cell.angle_alpha   90.000
_cell.angle_beta   105.930
_cell.angle_gamma   90.000
#
_symmetry.space_group_name_H-M   'C 1 2 1'
#
loop_
_entity.id
_entity.type
_entity.pdbx_description
1 polymer 'CIS43_Var10 Fab Heavy chain'
2 polymer 'CIS43_Var10 Fab Light chain'
3 polymer 'PfCSP peptide 21'
4 non-polymer GLYCEROL
5 water water
#
loop_
_entity_poly.entity_id
_entity_poly.type
_entity_poly.pdbx_seq_one_letter_code
_entity_poly.pdbx_strand_id
1 'polypeptide(L)'
;QRQLVQSGAEVKKPGASVKVSCKASGYTFTSYAIHWVRQAPGQRLEWMGWIKAGNGNTRYSQKFQDRVTITRDTSTTTAY
MELSSLRSEDTAVYYCALLTVLTPDDAFDIWGQGTMVTVSSASTKGPSVFPLAPSSKSTSGGTAALGCLVKDYFPEPVTV
SWNSGALTSGVHTFPAVLQSSGLYSLSSVVTVPSSSLGTQTYICNVNHKPSNTKVDKKVEPKSCDK
;
H
2 'polypeptide(L)'
;DIVMTQSPDSLAVSLGERATINCKSSQSVFYSSNNKNYLAWYQQKPGQPPNLLIYWASTRQSGVPDRFSGSGSGTDFTLT
ISSLQAEDVASYYCHQYYSSPLTFGGGTKVEIKRTVAAPSVFIFPPSDEQLKSGTASVVCLLNNFYPREAKVQWKVDNAL
QSGNSQESVTEQDSKDSTYSLSSTLTLSKADYEKHKVYACEVTHQGLSSPVTKSFNRGEC
;
L
3 'polypeptide(L)' NPDPNANPNVDPNAN A
#
loop_
_chem_comp.id
_chem_comp.type
_chem_comp.name
_chem_comp.formula
GOL non-polymer GLYCEROL 'C3 H8 O3'
#
# COMPACT_ATOMS: atom_id res chain seq x y z
N GLN A 1 13.30 -19.43 2.26
CA GLN A 1 12.67 -18.26 1.66
C GLN A 1 13.65 -17.10 1.38
N ARG A 2 13.81 -16.82 0.08
CA ARG A 2 14.66 -15.72 -0.39
C ARG A 2 14.00 -14.39 -0.07
N GLN A 3 14.79 -13.42 0.40
CA GLN A 3 14.14 -12.16 0.78
C GLN A 3 15.10 -10.98 0.80
N LEU A 4 14.49 -9.80 0.69
CA LEU A 4 15.17 -8.50 0.71
C LEU A 4 14.44 -7.65 1.75
N VAL A 5 15.17 -7.12 2.73
CA VAL A 5 14.61 -6.29 3.80
C VAL A 5 15.27 -4.92 3.78
N GLN A 6 14.46 -3.87 3.64
CA GLN A 6 14.97 -2.52 3.48
C GLN A 6 14.95 -1.76 4.80
N SER A 7 15.71 -0.67 4.81
CA SER A 7 15.73 0.21 5.97
C SER A 7 14.44 1.01 6.04
N GLY A 8 14.27 1.70 7.18
CA GLY A 8 13.01 2.37 7.44
C GLY A 8 12.85 3.71 6.73
N ALA A 9 11.60 4.20 6.74
CA ALA A 9 11.27 5.45 6.07
C ALA A 9 12.05 6.62 6.65
N GLU A 10 12.28 7.63 5.82
CA GLU A 10 13.05 8.80 6.21
C GLU A 10 12.45 10.08 5.64
N VAL A 11 12.72 11.19 6.30
CA VAL A 11 12.49 12.51 5.75
C VAL A 11 13.84 13.20 5.63
N LYS A 12 14.05 13.90 4.52
CA LYS A 12 15.30 14.59 4.24
C LYS A 12 14.99 15.94 3.62
N LYS A 13 15.85 16.91 3.89
CA LYS A 13 15.66 18.27 3.36
C LYS A 13 15.96 18.37 1.87
N PRO A 14 15.28 19.26 1.14
CA PRO A 14 15.66 19.50 -0.26
C PRO A 14 17.13 19.84 -0.35
N GLY A 15 17.80 19.27 -1.35
CA GLY A 15 19.22 19.42 -1.51
C GLY A 15 20.09 18.44 -0.75
N ALA A 16 19.52 17.70 0.20
CA ALA A 16 20.27 16.76 1.01
C ALA A 16 20.39 15.41 0.29
N SER A 17 20.93 14.41 0.97
CA SER A 17 21.08 13.06 0.44
C SER A 17 20.35 12.06 1.31
N VAL A 18 19.94 10.95 0.71
CA VAL A 18 19.38 9.81 1.41
C VAL A 18 20.10 8.56 0.96
N LYS A 19 20.34 7.64 1.89
CA LYS A 19 20.92 6.34 1.56
C LYS A 19 20.02 5.26 2.13
N VAL A 20 19.52 4.39 1.26
CA VAL A 20 18.59 3.32 1.62
C VAL A 20 19.34 2.00 1.50
N SER A 21 19.18 1.13 2.50
CA SER A 21 19.87 -0.14 2.51
C SER A 21 18.91 -1.29 2.19
N CYS A 22 19.49 -2.39 1.72
CA CYS A 22 18.72 -3.55 1.24
C CYS A 22 19.48 -4.80 1.67
N LYS A 23 19.01 -5.45 2.73
CA LYS A 23 19.66 -6.64 3.29
C LYS A 23 19.11 -7.90 2.61
N ALA A 24 19.98 -8.63 1.93
CA ALA A 24 19.60 -9.85 1.23
C ALA A 24 19.87 -11.07 2.11
N SER A 25 19.00 -12.07 2.00
CA SER A 25 19.19 -13.33 2.70
C SER A 25 18.50 -14.45 1.93
N GLY A 26 18.98 -15.68 2.16
CA GLY A 26 18.30 -16.86 1.65
C GLY A 26 18.62 -17.25 0.23
N TYR A 27 19.68 -16.68 -0.34
CA TYR A 27 20.11 -16.96 -1.70
C TYR A 27 21.57 -16.55 -1.84
N THR A 28 22.19 -16.97 -2.94
CA THR A 28 23.59 -16.66 -3.17
C THR A 28 23.72 -15.21 -3.62
N PHE A 29 24.17 -14.36 -2.70
CA PHE A 29 24.20 -12.90 -2.91
C PHE A 29 24.92 -12.51 -4.19
N THR A 30 26.15 -13.01 -4.36
CA THR A 30 27.00 -12.55 -5.44
C THR A 30 26.57 -13.04 -6.82
N SER A 31 25.53 -13.87 -6.91
CA SER A 31 25.14 -14.40 -8.21
C SER A 31 24.27 -13.45 -9.04
N TYR A 32 23.59 -12.49 -8.41
CA TYR A 32 22.55 -11.76 -9.10
C TYR A 32 22.72 -10.25 -8.97
N ALA A 33 22.01 -9.53 -9.84
CA ALA A 33 22.01 -8.07 -9.83
C ALA A 33 20.81 -7.59 -9.03
N ILE A 34 21.05 -6.61 -8.16
CA ILE A 34 20.00 -5.95 -7.40
C ILE A 34 19.64 -4.66 -8.11
N HIS A 35 18.35 -4.50 -8.40
CA HIS A 35 17.83 -3.30 -9.05
C HIS A 35 17.18 -2.40 -8.02
N TRP A 36 17.15 -1.11 -8.33
CA TRP A 36 16.40 -0.13 -7.54
C TRP A 36 15.33 0.47 -8.44
N VAL A 37 14.10 0.52 -7.92
CA VAL A 37 12.91 0.95 -8.64
C VAL A 37 12.13 1.83 -7.69
N ARG A 38 11.66 2.98 -8.16
CA ARG A 38 10.87 3.80 -7.26
C ARG A 38 9.47 4.01 -7.81
N GLN A 39 8.57 4.39 -6.90
CA GLN A 39 7.16 4.53 -7.24
C GLN A 39 6.68 5.82 -6.57
N ALA A 40 6.61 6.87 -7.38
CA ALA A 40 6.25 8.23 -6.98
C ALA A 40 4.76 8.44 -7.13
N PRO A 41 4.22 9.45 -6.46
CA PRO A 41 2.76 9.63 -6.41
C PRO A 41 2.16 9.83 -7.80
N GLY A 42 1.18 8.99 -8.12
CA GLY A 42 0.47 9.06 -9.38
C GLY A 42 1.28 8.67 -10.59
N GLN A 43 2.41 7.99 -10.40
CA GLN A 43 3.37 7.79 -11.47
C GLN A 43 3.70 6.31 -11.64
N ARG A 44 4.23 6.05 -12.83
CA ARG A 44 4.63 4.67 -13.15
C ARG A 44 5.85 4.26 -12.34
N LEU A 45 5.93 2.99 -12.00
CA LEU A 45 7.17 2.43 -11.50
C LEU A 45 8.32 2.84 -12.41
N GLU A 46 9.43 3.26 -11.81
CA GLU A 46 10.53 3.90 -12.51
C GLU A 46 11.83 3.20 -12.14
N TRP A 47 12.47 2.56 -13.12
CA TRP A 47 13.75 1.88 -12.88
C TRP A 47 14.88 2.91 -12.74
N MET A 48 15.68 2.76 -11.69
CA MET A 48 16.79 3.67 -11.42
C MET A 48 18.16 3.12 -11.79
N GLY A 49 18.40 1.83 -11.60
CA GLY A 49 19.72 1.27 -11.86
C GLY A 49 19.82 -0.12 -11.27
N TRP A 50 20.92 -0.80 -11.60
CA TRP A 50 21.23 -2.09 -11.00
C TRP A 50 22.69 -2.16 -10.60
N ILE A 51 23.00 -3.05 -9.65
CA ILE A 51 24.37 -3.39 -9.28
C ILE A 51 24.51 -4.90 -9.34
N LYS A 52 25.60 -5.38 -9.93
CA LYS A 52 25.94 -6.79 -9.84
C LYS A 52 26.57 -7.06 -8.47
N ALA A 53 25.91 -7.88 -7.66
CA ALA A 53 26.33 -8.02 -6.27
C ALA A 53 27.71 -8.65 -6.15
N GLY A 54 28.14 -9.41 -7.16
CA GLY A 54 29.46 -9.99 -7.15
C GLY A 54 30.55 -8.96 -7.38
N ASN A 55 30.71 -8.52 -8.64
CA ASN A 55 31.81 -7.65 -8.98
C ASN A 55 31.52 -6.17 -8.76
N GLY A 56 30.28 -5.81 -8.43
CA GLY A 56 29.97 -4.44 -8.06
C GLY A 56 29.77 -3.49 -9.22
N ASN A 57 29.82 -3.97 -10.46
CA ASN A 57 29.53 -3.11 -11.61
C ASN A 57 28.08 -2.62 -11.53
N THR A 58 27.86 -1.42 -12.07
CA THR A 58 26.54 -0.81 -12.05
C THR A 58 26.12 -0.36 -13.44
N ARG A 59 24.82 -0.15 -13.58
CA ARG A 59 24.26 0.59 -14.70
C ARG A 59 23.17 1.49 -14.15
N TYR A 60 23.23 2.77 -14.47
CA TYR A 60 22.23 3.72 -13.98
C TYR A 60 21.37 4.24 -15.12
N SER A 61 20.10 4.52 -14.80
CA SER A 61 19.26 5.24 -15.74
C SER A 61 19.82 6.63 -15.98
N GLN A 62 19.61 7.11 -17.21
CA GLN A 62 20.02 8.47 -17.58
C GLN A 62 19.38 9.50 -16.66
N LYS A 63 18.17 9.21 -16.18
CA LYS A 63 17.46 10.14 -15.31
C LYS A 63 18.21 10.40 -14.01
N PHE A 64 19.00 9.43 -13.54
CA PHE A 64 19.61 9.50 -12.22
C PHE A 64 21.13 9.45 -12.25
N GLN A 65 21.73 9.29 -13.43
CA GLN A 65 23.17 9.07 -13.56
C GLN A 65 23.98 10.02 -12.70
N ASP A 66 23.65 11.31 -12.75
CA ASP A 66 24.42 12.34 -12.08
C ASP A 66 24.18 12.41 -10.56
N ARG A 67 23.17 11.72 -10.04
CA ARG A 67 22.74 11.88 -8.65
C ARG A 67 22.71 10.60 -7.83
N VAL A 68 22.79 9.42 -8.45
CA VAL A 68 22.60 8.17 -7.72
C VAL A 68 23.92 7.43 -7.62
N THR A 69 24.11 6.73 -6.50
CA THR A 69 25.20 5.79 -6.31
C THR A 69 24.64 4.52 -5.70
N ILE A 70 24.86 3.40 -6.38
CA ILE A 70 24.49 2.08 -5.88
C ILE A 70 25.75 1.33 -5.53
N THR A 71 25.80 0.82 -4.31
CA THR A 71 26.94 0.06 -3.84
C THR A 71 26.42 -1.21 -3.18
N ARG A 72 27.42 -2.06 -2.86
CA ARG A 72 27.14 -3.31 -2.16
C ARG A 72 28.27 -3.67 -1.20
N ASP A 73 27.90 -4.39 -0.13
CA ASP A 73 28.84 -4.87 0.88
C ASP A 73 28.62 -6.38 0.94
N THR A 74 29.54 -7.15 0.34
CA THR A 74 29.34 -8.59 0.27
C THR A 74 29.42 -9.25 1.65
N SER A 75 30.28 -8.74 2.54
CA SER A 75 30.42 -9.34 3.85
C SER A 75 29.13 -9.24 4.67
N THR A 76 28.26 -8.28 4.36
CA THR A 76 26.95 -8.19 5.03
C THR A 76 25.80 -8.48 4.08
N THR A 77 26.07 -9.03 2.90
CA THR A 77 25.09 -9.23 1.82
C THR A 77 24.04 -8.11 1.79
N THR A 78 24.50 -6.87 1.68
CA THR A 78 23.65 -5.69 1.69
C THR A 78 23.98 -4.78 0.51
N ALA A 79 22.95 -4.32 -0.18
CA ALA A 79 23.08 -3.30 -1.21
C ALA A 79 22.54 -1.96 -0.72
N TYR A 80 23.03 -0.88 -1.32
CA TYR A 80 22.71 0.47 -0.92
C TYR A 80 22.42 1.34 -2.14
N MET A 81 21.44 2.24 -1.99
CA MET A 81 21.13 3.25 -2.98
C MET A 81 21.21 4.62 -2.32
N GLU A 82 22.11 5.45 -2.80
CA GLU A 82 22.22 6.83 -2.33
C GLU A 82 21.76 7.78 -3.43
N LEU A 83 20.86 8.68 -3.07
CA LEU A 83 20.33 9.69 -4.03
C LEU A 83 20.63 11.07 -3.44
N SER A 84 21.33 11.90 -4.20
CA SER A 84 21.73 13.22 -3.71
C SER A 84 20.95 14.35 -4.37
N SER A 85 21.20 15.58 -3.94
CA SER A 85 20.49 16.79 -4.43
C SER A 85 18.98 16.55 -4.50
N LEU A 86 18.40 16.13 -3.38
CA LEU A 86 16.97 15.74 -3.40
C LEU A 86 16.04 16.88 -3.77
N ARG A 87 14.92 16.51 -4.40
CA ARG A 87 14.02 17.49 -4.97
C ARG A 87 12.60 16.99 -4.75
N SER A 88 11.68 17.87 -5.06
CA SER A 88 10.29 17.52 -4.75
C SER A 88 9.83 16.29 -5.52
N GLU A 89 10.25 16.11 -6.76
CA GLU A 89 9.90 14.86 -7.49
C GLU A 89 10.42 13.58 -6.81
N ASP A 90 11.34 13.70 -5.84
CA ASP A 90 11.96 12.49 -5.31
C ASP A 90 11.19 11.86 -4.16
N THR A 91 10.14 12.51 -3.65
CA THR A 91 9.30 11.86 -2.64
C THR A 91 8.63 10.65 -3.28
N ALA A 92 8.86 9.47 -2.71
CA ALA A 92 8.46 8.23 -3.39
C ALA A 92 8.75 7.05 -2.49
N VAL A 93 8.20 5.89 -2.85
CA VAL A 93 8.60 4.63 -2.26
C VAL A 93 9.71 4.03 -3.13
N TYR A 94 10.83 3.70 -2.49
CA TYR A 94 12.00 3.15 -3.17
C TYR A 94 12.06 1.66 -2.87
N TYR A 95 12.18 0.84 -3.93
CA TYR A 95 12.27 -0.61 -3.81
C TYR A 95 13.65 -1.08 -4.26
N CYS A 96 14.21 -2.04 -3.55
CA CYS A 96 15.19 -2.91 -4.17
C CYS A 96 14.52 -4.19 -4.63
N ALA A 97 15.06 -4.80 -5.68
CA ALA A 97 14.40 -5.95 -6.29
C ALA A 97 15.40 -6.78 -7.08
N LEU A 98 15.22 -8.12 -6.99
CA LEU A 98 15.90 -9.05 -7.92
C LEU A 98 14.86 -9.25 -9.01
N LEU A 99 14.88 -8.36 -9.99
CA LEU A 99 13.92 -8.43 -11.09
C LEU A 99 14.21 -9.58 -12.03
N THR A 100 13.19 -10.33 -12.40
CA THR A 100 13.28 -11.39 -13.44
C THR A 100 14.59 -12.14 -13.45
N VAL A 101 14.76 -12.96 -12.42
CA VAL A 101 15.93 -13.85 -12.42
C VAL A 101 15.50 -15.08 -13.23
N LEU A 102 15.92 -15.11 -14.50
CA LEU A 102 15.49 -16.15 -15.44
C LEU A 102 16.76 -16.84 -15.93
N THR A 103 17.17 -17.89 -15.19
CA THR A 103 18.42 -18.59 -15.53
C THR A 103 18.09 -20.02 -15.99
N PRO A 104 19.09 -20.83 -16.43
CA PRO A 104 18.81 -22.22 -16.77
C PRO A 104 18.37 -23.02 -15.54
N ASP A 105 18.78 -22.58 -14.38
CA ASP A 105 18.48 -23.36 -13.15
C ASP A 105 17.35 -22.76 -12.34
N ASP A 106 17.06 -21.49 -12.57
CA ASP A 106 16.11 -20.85 -11.65
C ASP A 106 15.22 -19.83 -12.33
N ALA A 107 14.07 -19.61 -11.73
CA ALA A 107 13.18 -18.55 -12.22
C ALA A 107 12.49 -17.96 -10.98
N PHE A 108 12.87 -16.74 -10.59
CA PHE A 108 12.26 -16.11 -9.43
C PHE A 108 12.42 -14.60 -9.55
N ASP A 109 11.74 -13.91 -8.64
CA ASP A 109 11.60 -12.45 -8.68
C ASP A 109 11.25 -12.06 -7.25
N ILE A 110 12.09 -11.23 -6.62
CA ILE A 110 11.95 -10.89 -5.21
C ILE A 110 12.04 -9.39 -5.05
N TRP A 111 11.20 -8.83 -4.18
CA TRP A 111 11.21 -7.41 -3.91
C TRP A 111 11.38 -7.17 -2.42
N GLY A 112 12.06 -6.09 -2.06
CA GLY A 112 11.99 -5.58 -0.71
C GLY A 112 10.64 -4.95 -0.43
N GLN A 113 10.40 -4.62 0.84
CA GLN A 113 9.08 -4.14 1.23
C GLN A 113 8.86 -2.67 0.87
N GLY A 114 9.92 -1.96 0.47
CA GLY A 114 9.77 -0.57 0.11
C GLY A 114 10.15 0.38 1.23
N THR A 115 10.76 1.51 0.87
CA THR A 115 11.18 2.54 1.80
C THR A 115 10.62 3.87 1.33
N MET A 116 9.77 4.49 2.14
CA MET A 116 9.21 5.79 1.80
C MET A 116 10.22 6.88 2.14
N VAL A 117 10.59 7.70 1.16
CA VAL A 117 11.43 8.87 1.39
C VAL A 117 10.60 10.12 1.12
N THR A 118 10.58 11.02 2.11
CA THR A 118 9.84 12.27 2.00
C THR A 118 10.86 13.40 1.96
N VAL A 119 10.82 14.20 0.90
CA VAL A 119 11.69 15.37 0.78
C VAL A 119 10.92 16.55 1.36
N SER A 120 11.39 17.06 2.50
CA SER A 120 10.67 18.10 3.23
C SER A 120 11.63 18.77 4.20
N SER A 121 11.40 20.05 4.44
CA SER A 121 12.12 20.75 5.49
C SER A 121 11.39 20.71 6.83
N ALA A 122 10.22 20.05 6.90
CA ALA A 122 9.49 19.89 8.16
C ALA A 122 10.15 18.85 9.05
N SER A 123 9.95 19.00 10.36
CA SER A 123 10.59 18.12 11.34
C SER A 123 9.82 16.82 11.51
N THR A 124 10.57 15.75 11.78
CA THR A 124 9.96 14.48 12.15
C THR A 124 9.16 14.66 13.44
N LYS A 125 7.95 14.09 13.48
CA LYS A 125 7.15 14.11 14.71
C LYS A 125 6.54 12.73 14.91
N GLY A 126 6.70 12.18 16.11
CA GLY A 126 6.08 10.92 16.45
C GLY A 126 4.64 11.05 16.89
N PRO A 127 3.84 10.01 16.65
CA PRO A 127 2.42 10.06 16.98
C PRO A 127 2.14 9.80 18.45
N SER A 128 0.97 10.29 18.87
CA SER A 128 0.31 9.76 20.05
C SER A 128 -0.58 8.59 19.63
N VAL A 129 -0.74 7.61 20.51
CA VAL A 129 -1.60 6.47 20.25
C VAL A 129 -2.70 6.43 21.30
N PHE A 130 -3.95 6.49 20.86
CA PHE A 130 -5.10 6.52 21.76
C PHE A 130 -6.02 5.34 21.48
N PRO A 131 -6.60 4.72 22.50
CA PRO A 131 -7.49 3.59 22.25
C PRO A 131 -8.82 4.05 21.68
N LEU A 132 -9.42 3.19 20.87
CA LEU A 132 -10.82 3.29 20.44
C LEU A 132 -11.52 2.11 21.12
N ALA A 133 -12.03 2.36 22.33
CA ALA A 133 -12.47 1.26 23.17
C ALA A 133 -13.79 0.68 22.68
N PRO A 134 -13.98 -0.63 22.75
CA PRO A 134 -15.27 -1.19 22.41
C PRO A 134 -16.30 -0.80 23.48
N SER A 135 -17.52 -0.57 23.03
CA SER A 135 -18.59 -0.10 23.92
C SER A 135 -19.92 -0.50 23.33
N SER A 136 -21.00 -0.11 24.03
CA SER A 136 -22.34 -0.36 23.49
C SER A 136 -22.53 0.33 22.14
N LYS A 137 -21.72 1.35 21.83
CA LYS A 137 -21.85 2.11 20.59
C LYS A 137 -20.99 1.54 19.45
N SER A 138 -20.34 0.39 19.67
CA SER A 138 -19.47 -0.20 18.65
C SER A 138 -19.75 -1.68 18.45
N THR A 139 -20.97 -2.13 18.75
CA THR A 139 -21.35 -3.53 18.54
C THR A 139 -22.29 -3.68 17.34
N SER A 140 -22.13 -4.78 16.62
CA SER A 140 -22.95 -5.06 15.43
C SER A 140 -22.96 -6.57 15.18
N GLY A 141 -24.15 -7.16 15.16
CA GLY A 141 -24.31 -8.56 14.76
C GLY A 141 -23.52 -9.58 15.55
N GLY A 142 -23.36 -9.37 16.86
CA GLY A 142 -22.56 -10.24 17.70
C GLY A 142 -21.07 -9.95 17.69
N THR A 143 -20.65 -8.89 17.02
CA THR A 143 -19.25 -8.49 17.03
C THR A 143 -19.12 -7.17 17.77
N ALA A 144 -17.89 -6.89 18.21
CA ALA A 144 -17.54 -5.61 18.81
C ALA A 144 -16.39 -5.03 18.01
N ALA A 145 -16.46 -3.75 17.68
CA ALA A 145 -15.37 -3.07 16.99
C ALA A 145 -14.55 -2.29 17.99
N LEU A 146 -13.24 -2.31 17.80
CA LEU A 146 -12.32 -1.57 18.66
C LEU A 146 -11.13 -1.17 17.81
N GLY A 147 -10.30 -0.28 18.34
CA GLY A 147 -9.23 0.18 17.48
C GLY A 147 -8.22 1.04 18.20
N CYS A 148 -7.35 1.65 17.39
CA CYS A 148 -6.37 2.62 17.87
C CYS A 148 -6.36 3.80 16.93
N LEU A 149 -6.32 5.00 17.52
CA LEU A 149 -6.17 6.24 16.77
C LEU A 149 -4.73 6.70 16.92
N VAL A 150 -4.02 6.82 15.80
CA VAL A 150 -2.59 7.22 15.75
C VAL A 150 -2.59 8.66 15.26
N LYS A 151 -2.36 9.57 16.18
CA LYS A 151 -2.58 11.00 15.84
C LYS A 151 -1.33 11.85 15.82
N ASP A 152 -1.21 12.64 14.77
CA ASP A 152 -0.21 13.74 14.77
C ASP A 152 1.22 13.29 14.53
N TYR A 153 1.44 12.77 13.34
CA TYR A 153 2.81 12.31 13.01
C TYR A 153 3.26 12.86 11.67
N PHE A 154 4.56 12.84 11.51
CA PHE A 154 5.15 13.31 10.25
C PHE A 154 6.52 12.66 10.10
N PRO A 155 6.99 12.10 8.93
CA PRO A 155 6.26 11.91 7.67
C PRO A 155 5.52 10.60 7.69
N GLU A 156 4.92 10.22 6.57
CA GLU A 156 4.39 8.88 6.46
C GLU A 156 5.55 7.88 6.33
N PRO A 157 5.31 6.60 6.63
CA PRO A 157 4.08 5.94 7.04
C PRO A 157 4.11 5.51 8.49
N VAL A 158 2.93 5.28 9.04
CA VAL A 158 2.72 4.42 10.20
C VAL A 158 2.25 3.05 9.74
N THR A 159 2.75 2.01 10.41
CA THR A 159 2.21 0.67 10.26
C THR A 159 1.61 0.21 11.58
N VAL A 160 0.57 -0.62 11.48
CA VAL A 160 -0.16 -1.11 12.64
C VAL A 160 -0.36 -2.62 12.46
N SER A 161 -0.01 -3.39 13.48
CA SER A 161 -0.44 -4.77 13.58
C SER A 161 -1.26 -4.92 14.86
N TRP A 162 -1.94 -6.07 14.98
CA TRP A 162 -2.70 -6.41 16.17
C TRP A 162 -2.17 -7.69 16.78
N ASN A 163 -1.96 -7.69 18.10
CA ASN A 163 -1.49 -8.88 18.82
C ASN A 163 -0.25 -9.47 18.15
N SER A 164 0.68 -8.58 17.79
CA SER A 164 1.97 -8.98 17.22
C SER A 164 1.81 -9.77 15.92
N GLY A 165 0.75 -9.51 15.17
CA GLY A 165 0.50 -10.20 13.92
C GLY A 165 -0.40 -11.40 14.01
N ALA A 166 -0.75 -11.86 15.22
CA ALA A 166 -1.60 -13.03 15.38
C ALA A 166 -3.08 -12.73 15.10
N LEU A 167 -3.46 -11.46 15.07
CA LEU A 167 -4.83 -11.06 14.78
C LEU A 167 -4.84 -10.29 13.45
N THR A 168 -5.39 -10.92 12.41
CA THR A 168 -5.38 -10.32 11.09
C THR A 168 -6.78 -10.26 10.49
N SER A 169 -7.64 -11.22 10.82
CA SER A 169 -8.99 -11.18 10.26
C SER A 169 -9.75 -9.99 10.81
N GLY A 170 -10.52 -9.33 9.94
CA GLY A 170 -11.35 -8.26 10.43
C GLY A 170 -10.63 -6.97 10.73
N VAL A 171 -9.36 -6.86 10.38
CA VAL A 171 -8.57 -5.64 10.59
C VAL A 171 -8.75 -4.70 9.40
N HIS A 172 -8.94 -3.41 9.69
CA HIS A 172 -8.84 -2.37 8.67
C HIS A 172 -7.93 -1.27 9.20
N THR A 173 -6.80 -1.06 8.54
CA THR A 173 -5.92 0.05 8.85
C THR A 173 -6.08 1.05 7.73
N PHE A 174 -6.61 2.20 8.06
CA PHE A 174 -7.06 3.16 7.05
C PHE A 174 -5.92 3.99 6.49
N PRO A 175 -6.04 4.48 5.26
CA PRO A 175 -5.08 5.47 4.76
C PRO A 175 -5.08 6.71 5.66
N ALA A 176 -3.90 7.28 5.85
CA ALA A 176 -3.78 8.46 6.71
C ALA A 176 -4.44 9.67 6.07
N VAL A 177 -4.89 10.58 6.93
CA VAL A 177 -5.42 11.87 6.49
C VAL A 177 -4.39 12.94 6.83
N LEU A 178 -4.36 13.98 5.98
CA LEU A 178 -3.47 15.11 6.17
C LEU A 178 -4.22 16.22 6.89
N GLN A 179 -3.73 16.62 8.05
CA GLN A 179 -4.38 17.65 8.85
C GLN A 179 -3.87 19.03 8.43
N SER A 180 -4.64 20.06 8.81
CA SER A 180 -4.27 21.43 8.42
C SER A 180 -2.86 21.75 8.88
N SER A 181 -2.48 21.25 10.05
CA SER A 181 -1.15 21.46 10.63
C SER A 181 -0.03 20.86 9.81
N GLY A 182 -0.34 20.08 8.78
CA GLY A 182 0.69 19.38 8.05
C GLY A 182 1.06 18.03 8.64
N LEU A 183 0.40 17.66 9.73
CA LEU A 183 0.63 16.34 10.35
C LEU A 183 -0.44 15.35 9.87
N TYR A 184 -0.10 14.08 10.00
CA TYR A 184 -1.01 13.01 9.58
C TYR A 184 -1.64 12.33 10.79
N SER A 185 -2.76 11.67 10.52
CA SER A 185 -3.39 10.81 11.54
C SER A 185 -3.97 9.59 10.82
N LEU A 186 -4.00 8.47 11.51
CA LEU A 186 -4.70 7.31 10.98
C LEU A 186 -5.44 6.53 12.03
N SER A 187 -6.39 5.77 11.56
CA SER A 187 -7.09 4.82 12.44
CA SER A 187 -7.13 4.82 12.42
C SER A 187 -6.89 3.33 12.00
N SER A 188 -6.82 2.47 13.02
CA SER A 188 -6.77 1.02 12.75
C SER A 188 -7.86 0.39 13.63
N VAL A 189 -8.74 -0.39 13.03
CA VAL A 189 -9.86 -0.99 13.75
C VAL A 189 -9.88 -2.49 13.48
N VAL A 190 -10.51 -3.23 14.39
CA VAL A 190 -10.70 -4.67 14.20
C VAL A 190 -12.05 -5.04 14.83
N THR A 191 -12.73 -6.00 14.21
CA THR A 191 -13.97 -6.52 14.79
C THR A 191 -13.70 -7.89 15.38
N VAL A 192 -14.20 -8.10 16.59
CA VAL A 192 -13.90 -9.30 17.37
C VAL A 192 -15.18 -9.86 17.98
N PRO A 193 -15.18 -11.09 18.50
CA PRO A 193 -16.40 -11.61 19.11
C PRO A 193 -16.84 -10.73 20.27
N SER A 194 -18.14 -10.43 20.32
CA SER A 194 -18.67 -9.63 21.43
C SER A 194 -18.61 -10.38 22.75
N SER A 195 -18.53 -11.72 22.72
CA SER A 195 -18.75 -12.53 23.90
C SER A 195 -17.50 -12.75 24.74
N SER A 196 -16.32 -12.45 24.20
CA SER A 196 -15.06 -12.81 24.87
C SER A 196 -14.19 -11.59 25.17
N LEU A 197 -14.79 -10.39 25.24
CA LEU A 197 -13.99 -9.22 25.58
C LEU A 197 -13.37 -9.34 26.96
N GLY A 198 -13.96 -10.14 27.86
CA GLY A 198 -13.42 -10.31 29.20
C GLY A 198 -12.21 -11.21 29.29
N THR A 199 -12.02 -12.14 28.34
CA THR A 199 -10.94 -13.10 28.39
C THR A 199 -9.84 -12.88 27.37
N GLN A 200 -10.10 -12.14 26.30
CA GLN A 200 -9.10 -11.89 25.27
C GLN A 200 -8.46 -10.52 25.48
N THR A 201 -7.21 -10.39 25.04
CA THR A 201 -6.50 -9.11 25.12
C THR A 201 -6.19 -8.67 23.70
N TYR A 202 -6.49 -7.41 23.40
CA TYR A 202 -6.27 -6.84 22.08
C TYR A 202 -5.29 -5.68 22.22
N ILE A 203 -4.17 -5.78 21.53
CA ILE A 203 -3.09 -4.80 21.62
C ILE A 203 -2.74 -4.36 20.20
N CYS A 204 -2.74 -3.05 19.96
CA CYS A 204 -2.29 -2.57 18.66
C CYS A 204 -0.82 -2.23 18.74
N ASN A 205 -0.06 -2.71 17.75
CA ASN A 205 1.39 -2.51 17.67
C ASN A 205 1.64 -1.45 16.61
N VAL A 206 2.00 -0.25 17.05
CA VAL A 206 2.17 0.90 16.16
C VAL A 206 3.65 1.16 15.96
N ASN A 207 4.08 1.25 14.71
CA ASN A 207 5.45 1.59 14.32
C ASN A 207 5.45 2.85 13.48
N HIS A 208 6.27 3.82 13.85
CA HIS A 208 6.57 5.00 13.02
C HIS A 208 8.09 5.11 13.00
N LYS A 209 8.70 4.49 12.00
CA LYS A 209 10.16 4.38 11.99
C LYS A 209 10.87 5.73 11.98
N PRO A 210 10.42 6.73 11.23
CA PRO A 210 11.14 8.02 11.23
C PRO A 210 11.34 8.61 12.62
N SER A 211 10.40 8.39 13.55
CA SER A 211 10.49 8.96 14.89
C SER A 211 10.90 7.94 15.94
N ASN A 212 11.31 6.75 15.51
CA ASN A 212 11.68 5.66 16.41
C ASN A 212 10.55 5.29 17.35
N THR A 213 9.30 5.44 16.90
CA THR A 213 8.13 5.11 17.70
C THR A 213 7.79 3.65 17.52
N LYS A 214 7.77 2.91 18.62
CA LYS A 214 7.20 1.56 18.70
C LYS A 214 6.35 1.52 19.95
N VAL A 215 5.03 1.48 19.78
CA VAL A 215 4.09 1.53 20.88
C VAL A 215 3.18 0.32 20.82
N ASP A 216 2.89 -0.26 21.98
CA ASP A 216 1.95 -1.37 22.10
C ASP A 216 0.85 -0.92 23.06
N LYS A 217 -0.33 -0.61 22.52
CA LYS A 217 -1.43 -0.07 23.33
C LYS A 217 -2.51 -1.13 23.51
N LYS A 218 -2.78 -1.50 24.76
CA LYS A 218 -3.85 -2.43 25.06
C LYS A 218 -5.18 -1.67 25.01
N VAL A 219 -6.16 -2.24 24.32
CA VAL A 219 -7.46 -1.60 24.11
C VAL A 219 -8.52 -2.38 24.88
N GLU A 220 -9.14 -1.74 25.87
CA GLU A 220 -10.05 -2.37 26.82
C GLU A 220 -11.37 -1.62 26.84
N PRO A 221 -12.49 -2.28 27.22
CA PRO A 221 -13.67 -1.45 27.52
C PRO A 221 -13.39 -0.52 28.71
N ASP B 1 13.07 5.43 -24.96
CA ASP B 1 12.80 4.21 -24.22
C ASP B 1 11.60 3.49 -24.82
N ILE B 2 11.29 2.32 -24.30
CA ILE B 2 10.13 1.56 -24.75
C ILE B 2 8.97 1.94 -23.84
N VAL B 3 7.99 2.64 -24.40
CA VAL B 3 6.83 3.05 -23.63
C VAL B 3 5.83 1.89 -23.60
N MET B 4 5.33 1.59 -22.41
CA MET B 4 4.38 0.51 -22.20
C MET B 4 3.02 1.14 -21.91
N THR B 5 2.04 0.88 -22.78
CA THR B 5 0.72 1.49 -22.68
C THR B 5 -0.32 0.43 -22.43
N GLN B 6 -1.02 0.53 -21.31
CA GLN B 6 -2.07 -0.43 -20.97
C GLN B 6 -3.45 0.15 -21.21
N SER B 7 -4.40 -0.75 -21.42
CA SER B 7 -5.82 -0.45 -21.65
CA SER B 7 -5.81 -0.41 -21.57
C SER B 7 -6.65 -1.62 -21.16
N PRO B 8 -7.76 -1.40 -20.46
CA PRO B 8 -8.25 -0.10 -20.00
C PRO B 8 -7.45 0.39 -18.81
N ASP B 9 -7.68 1.61 -18.30
CA ASP B 9 -7.00 2.01 -17.07
C ASP B 9 -7.62 1.38 -15.85
N SER B 10 -8.89 0.98 -15.93
CA SER B 10 -9.56 0.30 -14.84
C SER B 10 -10.69 -0.53 -15.43
N LEU B 11 -11.07 -1.57 -14.70
CA LEU B 11 -12.19 -2.39 -15.11
C LEU B 11 -12.80 -3.04 -13.89
N ALA B 12 -14.10 -3.28 -13.98
CA ALA B 12 -14.83 -3.92 -12.89
C ALA B 12 -15.67 -5.03 -13.50
N VAL B 13 -15.57 -6.23 -12.91
CA VAL B 13 -16.42 -7.35 -13.31
C VAL B 13 -16.89 -8.05 -12.04
N SER B 14 -17.91 -8.89 -12.20
CA SER B 14 -18.43 -9.66 -11.08
C SER B 14 -17.54 -10.86 -10.79
N LEU B 15 -17.63 -11.37 -9.57
CA LEU B 15 -16.87 -12.55 -9.19
C LEU B 15 -17.11 -13.69 -10.18
N GLY B 16 -16.01 -14.29 -10.65
CA GLY B 16 -16.08 -15.41 -11.56
C GLY B 16 -16.07 -15.05 -13.03
N GLU B 17 -16.17 -13.77 -13.36
CA GLU B 17 -16.20 -13.31 -14.73
C GLU B 17 -14.78 -13.15 -15.25
N ARG B 18 -14.65 -13.17 -16.58
CA ARG B 18 -13.35 -13.03 -17.25
C ARG B 18 -12.91 -11.56 -17.28
N ALA B 19 -11.64 -11.31 -16.98
CA ALA B 19 -11.05 -9.98 -17.06
C ALA B 19 -9.90 -10.01 -18.05
N THR B 20 -9.84 -8.99 -18.92
CA THR B 20 -8.82 -8.89 -19.96
C THR B 20 -8.09 -7.55 -19.85
N ILE B 21 -6.76 -7.60 -19.82
CA ILE B 21 -5.92 -6.40 -19.75
C ILE B 21 -4.99 -6.41 -20.95
N ASN B 22 -4.92 -5.28 -21.65
CA ASN B 22 -4.10 -5.14 -22.85
C ASN B 22 -2.87 -4.30 -22.52
N CYS B 23 -1.74 -4.66 -23.14
CA CYS B 23 -0.49 -3.88 -23.05
C CYS B 23 0.11 -3.78 -24.43
N LYS B 24 0.46 -2.56 -24.85
CA LYS B 24 1.13 -2.33 -26.13
C LYS B 24 2.49 -1.71 -25.85
N SER B 25 3.51 -2.27 -26.48
CA SER B 25 4.87 -1.70 -26.35
C SER B 25 5.13 -0.81 -27.57
N SER B 26 5.88 0.27 -27.37
CA SER B 26 6.05 1.28 -28.45
C SER B 26 6.99 0.75 -29.54
N GLN B 27 7.78 -0.26 -29.18
CA GLN B 27 8.66 -0.95 -30.13
C GLN B 27 8.48 -2.43 -29.85
N SER B 28 8.72 -3.25 -30.85
CA SER B 28 8.64 -4.71 -30.65
C SER B 28 9.61 -5.18 -29.57
N VAL B 29 9.14 -6.09 -28.73
CA VAL B 29 10.01 -6.73 -27.70
C VAL B 29 10.22 -8.19 -28.10
N PHE B 30 10.00 -8.50 -29.39
CA PHE B 30 10.22 -9.83 -29.93
C PHE B 30 11.61 -9.91 -30.55
N TYR B 31 12.29 -11.05 -30.34
CA TYR B 31 13.57 -11.33 -31.00
C TYR B 31 13.40 -12.58 -31.85
N SER B 32 13.46 -12.40 -33.17
CA SER B 32 13.22 -13.52 -34.07
C SER B 32 14.26 -14.62 -33.89
N SER B 33 15.48 -14.25 -33.47
CA SER B 33 16.54 -15.24 -33.37
C SER B 33 16.26 -16.31 -32.33
N ASN B 34 15.55 -15.98 -31.24
CA ASN B 34 15.18 -16.98 -30.25
C ASN B 34 13.68 -17.10 -30.03
N ASN B 35 12.87 -16.41 -30.83
CA ASN B 35 11.40 -16.52 -30.78
C ASN B 35 10.83 -16.05 -29.44
N LYS B 36 11.52 -15.18 -28.71
CA LYS B 36 11.05 -14.82 -27.37
C LYS B 36 10.59 -13.37 -27.33
N ASN B 37 9.65 -13.12 -26.41
CA ASN B 37 9.14 -11.78 -26.11
C ASN B 37 9.57 -11.39 -24.71
N TYR B 38 10.26 -10.25 -24.62
CA TYR B 38 10.94 -9.83 -23.38
C TYR B 38 10.00 -9.02 -22.50
N LEU B 39 8.97 -9.70 -22.02
CA LEU B 39 7.84 -9.06 -21.35
C LEU B 39 7.40 -9.84 -20.12
N ALA B 40 7.00 -9.10 -19.08
CA ALA B 40 6.51 -9.68 -17.85
C ALA B 40 5.25 -8.96 -17.39
N TRP B 41 4.46 -9.64 -16.57
CA TRP B 41 3.28 -9.07 -15.92
C TRP B 41 3.41 -9.19 -14.41
N TYR B 42 3.07 -8.10 -13.71
CA TYR B 42 3.09 -8.02 -12.26
C TYR B 42 1.71 -7.67 -11.71
N GLN B 43 1.46 -8.12 -10.48
CA GLN B 43 0.31 -7.72 -9.66
C GLN B 43 0.79 -6.87 -8.48
N GLN B 44 0.06 -5.81 -8.15
CA GLN B 44 0.43 -5.05 -6.97
C GLN B 44 -0.81 -4.61 -6.22
N LYS B 45 -0.83 -4.87 -4.91
CA LYS B 45 -1.89 -4.40 -4.03
C LYS B 45 -1.39 -3.24 -3.19
N PRO B 46 -2.28 -2.35 -2.72
CA PRO B 46 -1.79 -1.15 -2.01
C PRO B 46 -0.94 -1.51 -0.80
N GLY B 47 0.14 -0.75 -0.61
CA GLY B 47 1.04 -0.94 0.50
C GLY B 47 2.03 -2.08 0.35
N GLN B 48 2.03 -2.78 -0.79
CA GLN B 48 2.80 -3.98 -1.01
C GLN B 48 3.68 -3.82 -2.25
N PRO B 49 4.80 -4.52 -2.35
CA PRO B 49 5.57 -4.50 -3.62
C PRO B 49 4.86 -5.32 -4.68
N PRO B 50 5.18 -5.10 -5.95
CA PRO B 50 4.63 -5.93 -7.02
C PRO B 50 5.04 -7.39 -6.86
N ASN B 51 4.22 -8.30 -7.40
CA ASN B 51 4.50 -9.73 -7.44
C ASN B 51 4.46 -10.19 -8.88
N LEU B 52 5.48 -10.95 -9.31
CA LEU B 52 5.58 -11.43 -10.68
C LEU B 52 4.55 -12.53 -10.98
N LEU B 53 3.81 -12.37 -12.07
CA LEU B 53 2.82 -13.34 -12.49
C LEU B 53 3.29 -14.16 -13.69
N ILE B 54 3.79 -13.48 -14.71
CA ILE B 54 4.06 -14.05 -16.03
C ILE B 54 5.38 -13.47 -16.51
N TYR B 55 6.21 -14.30 -17.17
CA TYR B 55 7.43 -13.79 -17.79
C TYR B 55 7.57 -14.44 -19.16
N TRP B 56 8.51 -13.93 -19.96
CA TRP B 56 8.62 -14.27 -21.39
C TRP B 56 7.25 -14.21 -22.07
N ALA B 57 6.43 -13.25 -21.63
CA ALA B 57 5.11 -12.94 -22.17
C ALA B 57 4.03 -13.97 -21.84
N SER B 58 4.38 -15.25 -21.79
CA SER B 58 3.35 -16.27 -21.60
C SER B 58 3.69 -17.39 -20.63
N THR B 59 4.83 -17.33 -19.95
CA THR B 59 5.19 -18.39 -19.02
C THR B 59 4.73 -17.98 -17.63
N ARG B 60 3.80 -18.74 -17.08
CA ARG B 60 3.28 -18.43 -15.76
C ARG B 60 4.29 -18.86 -14.70
N GLN B 61 4.56 -17.98 -13.74
CA GLN B 61 5.51 -18.34 -12.69
C GLN B 61 4.94 -19.40 -11.77
N SER B 62 5.82 -20.27 -11.28
CA SER B 62 5.39 -21.34 -10.40
C SER B 62 4.69 -20.78 -9.18
N GLY B 63 3.56 -21.40 -8.82
CA GLY B 63 2.78 -20.94 -7.70
C GLY B 63 1.69 -19.95 -8.05
N VAL B 64 1.74 -19.35 -9.23
CA VAL B 64 0.67 -18.44 -9.66
C VAL B 64 -0.54 -19.26 -10.08
N PRO B 65 -1.74 -18.92 -9.61
CA PRO B 65 -2.93 -19.69 -10.01
C PRO B 65 -3.08 -19.73 -11.52
N ASP B 66 -3.55 -20.86 -12.04
CA ASP B 66 -3.58 -20.99 -13.48
C ASP B 66 -4.73 -20.23 -14.13
N ARG B 67 -5.58 -19.54 -13.36
CA ARG B 67 -6.54 -18.63 -14.00
C ARG B 67 -5.85 -17.40 -14.62
N PHE B 68 -4.59 -17.16 -14.28
CA PHE B 68 -3.78 -16.10 -14.92
C PHE B 68 -3.07 -16.65 -16.15
N SER B 69 -3.20 -15.97 -17.29
CA SER B 69 -2.43 -16.38 -18.45
C SER B 69 -2.05 -15.16 -19.28
N GLY B 70 -0.89 -15.24 -19.91
CA GLY B 70 -0.41 -14.18 -20.78
C GLY B 70 -0.28 -14.67 -22.21
N SER B 71 -0.54 -13.76 -23.16
CA SER B 71 -0.45 -14.07 -24.58
C SER B 71 0.02 -12.83 -25.33
N GLY B 72 0.36 -13.02 -26.59
CA GLY B 72 0.77 -11.93 -27.45
C GLY B 72 2.20 -12.08 -27.92
N SER B 73 2.54 -11.28 -28.94
CA SER B 73 3.88 -11.31 -29.49
C SER B 73 4.13 -10.01 -30.23
N GLY B 74 5.35 -9.51 -30.11
CA GLY B 74 5.73 -8.32 -30.84
C GLY B 74 5.47 -7.06 -30.05
N THR B 75 4.35 -6.39 -30.30
CA THR B 75 3.98 -5.18 -29.57
C THR B 75 2.67 -5.28 -28.84
N ASP B 76 1.88 -6.33 -29.06
CA ASP B 76 0.53 -6.43 -28.52
C ASP B 76 0.40 -7.64 -27.58
N PHE B 77 0.11 -7.36 -26.31
CA PHE B 77 0.11 -8.38 -25.28
C PHE B 77 -1.18 -8.32 -24.46
N THR B 78 -1.58 -9.48 -23.93
CA THR B 78 -2.81 -9.62 -23.17
C THR B 78 -2.55 -10.41 -21.90
N LEU B 79 -3.03 -9.89 -20.76
CA LEU B 79 -3.16 -10.64 -19.52
C LEU B 79 -4.63 -10.99 -19.32
N THR B 80 -4.91 -12.27 -19.14
CA THR B 80 -6.26 -12.75 -18.94
C THR B 80 -6.37 -13.34 -17.54
N ILE B 81 -7.40 -12.95 -16.79
CA ILE B 81 -7.80 -13.66 -15.58
C ILE B 81 -9.11 -14.37 -15.92
N SER B 82 -9.08 -15.71 -15.99
CA SER B 82 -10.22 -16.39 -16.62
C SER B 82 -11.47 -16.33 -15.76
N SER B 83 -11.29 -16.29 -14.44
CA SER B 83 -12.41 -16.30 -13.51
C SER B 83 -11.97 -15.46 -12.31
N LEU B 84 -12.44 -14.22 -12.27
CA LEU B 84 -11.92 -13.27 -11.30
C LEU B 84 -12.33 -13.68 -9.89
N GLN B 85 -11.36 -13.76 -9.00
CA GLN B 85 -11.60 -14.07 -7.58
C GLN B 85 -11.46 -12.82 -6.73
N ALA B 86 -12.04 -12.89 -5.53
CA ALA B 86 -12.04 -11.70 -4.68
C ALA B 86 -10.61 -11.24 -4.40
N GLU B 87 -9.69 -12.18 -4.23
CA GLU B 87 -8.30 -11.86 -3.92
C GLU B 87 -7.54 -11.27 -5.12
N ASP B 88 -8.17 -11.20 -6.29
CA ASP B 88 -7.52 -10.69 -7.49
C ASP B 88 -7.64 -9.18 -7.62
N VAL B 89 -8.41 -8.53 -6.75
CA VAL B 89 -8.52 -7.08 -6.81
C VAL B 89 -7.16 -6.50 -6.51
N ALA B 90 -6.65 -5.68 -7.44
CA ALA B 90 -5.26 -5.25 -7.45
C ALA B 90 -5.07 -4.39 -8.68
N SER B 91 -3.90 -3.76 -8.79
CA SER B 91 -3.47 -3.22 -10.07
C SER B 91 -2.49 -4.17 -10.73
N TYR B 92 -2.50 -4.16 -12.07
CA TYR B 92 -1.69 -5.06 -12.87
C TYR B 92 -0.84 -4.26 -13.84
N TYR B 93 0.45 -4.63 -13.95
CA TYR B 93 1.44 -3.86 -14.70
C TYR B 93 2.19 -4.76 -15.67
N CYS B 94 2.33 -4.32 -16.92
CA CYS B 94 3.28 -4.98 -17.79
C CYS B 94 4.67 -4.37 -17.60
N HIS B 95 5.69 -5.06 -18.15
CA HIS B 95 7.08 -4.72 -17.91
C HIS B 95 7.89 -5.27 -19.06
N GLN B 96 8.83 -4.49 -19.58
CA GLN B 96 9.71 -4.98 -20.62
C GLN B 96 11.15 -4.97 -20.11
N TYR B 97 11.90 -6.01 -20.53
CA TYR B 97 13.33 -6.16 -20.24
C TYR B 97 14.09 -6.43 -21.53
N TYR B 98 13.57 -5.89 -22.61
CA TYR B 98 14.22 -5.92 -23.92
C TYR B 98 15.37 -4.94 -24.00
N SER B 99 15.17 -3.72 -23.48
CA SER B 99 16.17 -2.68 -23.64
C SER B 99 16.23 -1.84 -22.37
N SER B 100 17.33 -1.11 -22.23
CA SER B 100 17.53 -0.23 -21.10
C SER B 100 17.09 1.18 -21.48
N PRO B 101 16.41 1.93 -20.60
CA PRO B 101 16.08 1.52 -19.25
C PRO B 101 14.91 0.53 -19.23
N LEU B 102 14.91 -0.34 -18.23
CA LEU B 102 13.73 -1.17 -17.99
C LEU B 102 12.55 -0.26 -17.76
N THR B 103 11.38 -0.64 -18.25
CA THR B 103 10.18 0.20 -18.09
C THR B 103 8.96 -0.65 -17.74
N PHE B 104 7.98 0.04 -17.15
CA PHE B 104 6.72 -0.54 -16.72
C PHE B 104 5.55 0.23 -17.34
N GLY B 105 4.43 -0.46 -17.50
CA GLY B 105 3.20 0.20 -17.90
C GLY B 105 2.60 1.03 -16.78
N GLY B 106 1.56 1.77 -17.14
CA GLY B 106 0.87 2.65 -16.22
C GLY B 106 -0.13 1.97 -15.32
N GLY B 107 -0.41 0.70 -15.56
CA GLY B 107 -1.25 -0.09 -14.67
C GLY B 107 -2.69 -0.13 -15.11
N THR B 108 -3.36 -1.23 -14.76
CA THR B 108 -4.79 -1.42 -14.95
C THR B 108 -5.34 -1.83 -13.60
N LYS B 109 -6.27 -1.04 -13.08
CA LYS B 109 -6.86 -1.32 -11.77
C LYS B 109 -8.07 -2.22 -11.96
N VAL B 110 -8.05 -3.40 -11.34
CA VAL B 110 -9.10 -4.41 -11.49
C VAL B 110 -9.93 -4.46 -10.23
N GLU B 111 -11.25 -4.38 -10.40
CA GLU B 111 -12.22 -4.12 -9.34
C GLU B 111 -13.30 -5.19 -9.38
N ILE B 112 -13.85 -5.58 -8.21
CA ILE B 112 -15.05 -6.45 -8.15
C ILE B 112 -16.31 -5.63 -8.00
N LYS B 113 -17.32 -5.96 -8.82
CA LYS B 113 -18.71 -5.62 -8.60
C LYS B 113 -19.38 -6.70 -7.76
N ARG B 114 -20.15 -6.28 -6.77
CA ARG B 114 -20.88 -7.21 -5.90
C ARG B 114 -22.19 -6.55 -5.47
N THR B 115 -22.95 -7.28 -4.65
CA THR B 115 -24.26 -6.78 -4.23
C THR B 115 -24.12 -5.64 -3.23
N VAL B 116 -25.20 -4.85 -3.14
CA VAL B 116 -25.24 -3.75 -2.17
C VAL B 116 -25.11 -4.30 -0.75
N ALA B 117 -24.27 -3.66 0.06
CA ALA B 117 -24.14 -3.96 1.48
C ALA B 117 -24.16 -2.66 2.26
N ALA B 118 -25.11 -2.52 3.19
CA ALA B 118 -25.14 -1.31 4.00
C ALA B 118 -23.99 -1.32 5.00
N PRO B 119 -23.49 -0.13 5.37
CA PRO B 119 -22.42 -0.08 6.37
C PRO B 119 -22.94 -0.42 7.75
N SER B 120 -22.06 -1.02 8.55
CA SER B 120 -22.25 -1.10 9.99
C SER B 120 -21.62 0.14 10.61
N VAL B 121 -22.39 0.91 11.39
CA VAL B 121 -21.95 2.24 11.82
C VAL B 121 -21.63 2.23 13.30
N PHE B 122 -20.43 2.71 13.65
CA PHE B 122 -19.96 2.72 15.04
C PHE B 122 -19.43 4.10 15.37
N ILE B 123 -19.50 4.46 16.66
CA ILE B 123 -18.96 5.74 17.08
C ILE B 123 -18.12 5.56 18.33
N PHE B 124 -17.02 6.30 18.39
CA PHE B 124 -16.04 6.20 19.47
C PHE B 124 -15.83 7.59 20.08
N PRO B 125 -16.19 7.80 21.33
CA PRO B 125 -15.86 9.08 21.98
C PRO B 125 -14.36 9.20 22.15
N PRO B 126 -13.86 10.39 22.46
CA PRO B 126 -12.42 10.53 22.73
C PRO B 126 -12.04 9.76 23.97
N SER B 127 -10.80 9.26 23.96
CA SER B 127 -10.24 8.62 25.13
C SER B 127 -9.95 9.64 26.23
N ASP B 128 -9.98 9.17 27.48
CA ASP B 128 -9.59 10.07 28.56
C ASP B 128 -8.13 10.48 28.44
N GLU B 129 -7.28 9.59 27.92
CA GLU B 129 -5.88 9.96 27.71
C GLU B 129 -5.75 11.13 26.75
N GLN B 130 -6.53 11.14 25.67
CA GLN B 130 -6.41 12.24 24.73
C GLN B 130 -6.93 13.53 25.36
N LEU B 131 -8.03 13.43 26.10
CA LEU B 131 -8.60 14.62 26.74
C LEU B 131 -7.61 15.23 27.71
N LYS B 132 -6.84 14.38 28.40
CA LYS B 132 -5.75 14.85 29.27
C LYS B 132 -4.84 15.83 28.56
N SER B 133 -4.77 15.76 27.23
CA SER B 133 -3.79 16.52 26.46
C SER B 133 -4.39 17.71 25.73
N GLY B 134 -5.67 18.01 25.94
CA GLY B 134 -6.25 19.23 25.44
C GLY B 134 -7.01 19.12 24.12
N THR B 135 -7.12 17.92 23.56
CA THR B 135 -7.82 17.73 22.30
C THR B 135 -8.81 16.58 22.45
N ALA B 136 -9.83 16.60 21.60
CA ALA B 136 -10.87 15.57 21.61
C ALA B 136 -11.13 15.15 20.17
N SER B 137 -10.85 13.90 19.86
CA SER B 137 -11.18 13.35 18.55
C SER B 137 -12.31 12.34 18.71
N VAL B 138 -13.37 12.52 17.93
CA VAL B 138 -14.49 11.59 17.87
C VAL B 138 -14.39 10.85 16.56
N VAL B 139 -14.48 9.51 16.61
CA VAL B 139 -14.30 8.68 15.42
C VAL B 139 -15.62 8.01 15.06
N CYS B 140 -16.02 8.15 13.79
CA CYS B 140 -17.16 7.45 13.20
C CYS B 140 -16.62 6.42 12.20
N LEU B 141 -17.01 5.15 12.38
CA LEU B 141 -16.55 4.04 11.55
C LEU B 141 -17.73 3.48 10.77
N LEU B 142 -17.55 3.35 9.43
CA LEU B 142 -18.53 2.70 8.56
C LEU B 142 -17.84 1.44 8.05
N ASN B 143 -18.34 0.26 8.42
CA ASN B 143 -17.57 -0.95 8.17
C ASN B 143 -18.27 -1.81 7.12
N ASN B 144 -17.49 -2.25 6.12
CA ASN B 144 -17.84 -3.34 5.18
C ASN B 144 -19.12 -3.05 4.40
N PHE B 145 -19.05 -2.02 3.57
CA PHE B 145 -20.20 -1.60 2.75
C PHE B 145 -19.84 -1.63 1.28
N TYR B 146 -20.88 -1.62 0.43
CA TYR B 146 -20.69 -1.60 -1.01
C TYR B 146 -21.96 -1.03 -1.64
N PRO B 147 -21.86 -0.12 -2.62
CA PRO B 147 -20.66 0.42 -3.26
C PRO B 147 -19.90 1.40 -2.38
N ARG B 148 -18.83 1.94 -2.97
CA ARG B 148 -17.88 2.75 -2.22
C ARG B 148 -18.45 4.11 -1.81
N GLU B 149 -19.39 4.66 -2.57
CA GLU B 149 -19.90 6.00 -2.28
C GLU B 149 -20.66 6.00 -0.97
N ALA B 150 -20.34 6.96 -0.10
CA ALA B 150 -21.00 7.06 1.19
C ALA B 150 -20.86 8.50 1.66
N LYS B 151 -21.82 8.95 2.46
CA LYS B 151 -21.79 10.31 2.99
C LYS B 151 -21.87 10.26 4.51
N VAL B 152 -20.93 10.93 5.16
CA VAL B 152 -20.93 11.10 6.61
C VAL B 152 -21.14 12.58 6.92
N GLN B 153 -22.04 12.87 7.84
CA GLN B 153 -22.18 14.22 8.37
C GLN B 153 -22.11 14.16 9.90
N TRP B 154 -21.44 15.15 10.49
CA TRP B 154 -21.29 15.25 11.94
C TRP B 154 -22.25 16.26 12.51
N LYS B 155 -22.85 15.91 13.65
CA LYS B 155 -23.74 16.81 14.36
C LYS B 155 -23.29 16.91 15.80
N VAL B 156 -23.24 18.14 16.32
CA VAL B 156 -22.89 18.37 17.71
C VAL B 156 -24.03 19.19 18.29
N ASP B 157 -24.65 18.67 19.34
CA ASP B 157 -25.87 19.25 19.89
C ASP B 157 -26.91 19.49 18.80
N ASN B 158 -27.02 18.53 17.87
CA ASN B 158 -27.96 18.52 16.75
C ASN B 158 -27.59 19.49 15.64
N ALA B 159 -26.48 20.19 15.74
CA ALA B 159 -26.08 21.16 14.74
C ALA B 159 -25.09 20.55 13.75
N LEU B 160 -25.41 20.66 12.47
CA LEU B 160 -24.51 20.17 11.42
C LEU B 160 -23.17 20.89 11.51
N GLN B 161 -22.09 20.11 11.43
CA GLN B 161 -20.74 20.65 11.47
C GLN B 161 -20.14 20.77 10.08
N SER B 162 -19.18 21.69 9.96
CA SER B 162 -18.40 21.87 8.75
C SER B 162 -16.99 22.30 9.14
N GLY B 163 -16.00 21.71 8.49
CA GLY B 163 -14.65 22.21 8.58
C GLY B 163 -13.78 21.59 9.65
N ASN B 164 -14.34 20.72 10.50
CA ASN B 164 -13.60 20.13 11.60
C ASN B 164 -13.51 18.60 11.52
N SER B 165 -13.66 18.02 10.33
CA SER B 165 -13.53 16.57 10.20
C SER B 165 -12.71 16.20 8.96
N GLN B 166 -12.12 15.00 9.01
CA GLN B 166 -11.39 14.39 7.90
C GLN B 166 -11.80 12.94 7.81
N GLU B 167 -11.75 12.37 6.60
CA GLU B 167 -12.14 10.98 6.44
C GLU B 167 -11.26 10.33 5.38
N SER B 168 -11.20 8.99 5.42
CA SER B 168 -10.57 8.22 4.36
C SER B 168 -11.24 6.86 4.23
N VAL B 169 -11.16 6.30 3.03
CA VAL B 169 -11.76 5.02 2.71
C VAL B 169 -10.65 4.01 2.43
N THR B 170 -10.95 2.75 2.75
CA THR B 170 -10.01 1.68 2.46
C THR B 170 -10.01 1.32 0.98
N GLU B 171 -8.97 0.57 0.59
CA GLU B 171 -9.02 -0.19 -0.65
C GLU B 171 -10.12 -1.25 -0.55
N GLN B 172 -10.42 -1.87 -1.69
CA GLN B 172 -11.45 -2.91 -1.70
C GLN B 172 -10.95 -4.16 -0.98
N ASP B 173 -11.81 -4.74 -0.15
CA ASP B 173 -11.41 -5.86 0.70
C ASP B 173 -11.14 -7.10 -0.16
N SER B 174 -10.05 -7.81 0.16
CA SER B 174 -9.65 -8.98 -0.63
C SER B 174 -10.48 -10.22 -0.38
N LYS B 175 -11.35 -10.23 0.64
CA LYS B 175 -12.21 -11.35 0.99
C LYS B 175 -13.66 -11.13 0.59
N ASP B 176 -14.26 -10.01 1.01
CA ASP B 176 -15.68 -9.78 0.75
C ASP B 176 -15.94 -8.60 -0.17
N SER B 177 -14.89 -8.00 -0.75
CA SER B 177 -15.04 -7.01 -1.81
C SER B 177 -15.78 -5.76 -1.37
N THR B 178 -15.82 -5.50 -0.07
CA THR B 178 -16.41 -4.27 0.44
C THR B 178 -15.36 -3.20 0.70
N TYR B 179 -15.84 -2.06 1.19
CA TYR B 179 -15.03 -0.92 1.59
C TYR B 179 -15.36 -0.56 3.02
N SER B 180 -14.44 0.11 3.70
CA SER B 180 -14.77 0.72 4.99
C SER B 180 -14.25 2.14 5.00
N LEU B 181 -14.79 2.93 5.92
CA LEU B 181 -14.50 4.36 5.95
C LEU B 181 -14.42 4.82 7.40
N SER B 182 -13.46 5.69 7.68
CA SER B 182 -13.24 6.23 9.01
C SER B 182 -13.29 7.74 8.88
N SER B 183 -14.07 8.40 9.73
CA SER B 183 -14.13 9.86 9.78
C SER B 183 -13.84 10.32 11.20
N THR B 184 -12.99 11.35 11.34
CA THR B 184 -12.62 11.91 12.64
C THR B 184 -13.08 13.35 12.74
N LEU B 185 -13.82 13.64 13.81
CA LEU B 185 -14.19 15.00 14.18
C LEU B 185 -13.24 15.45 15.28
N THR B 186 -12.53 16.56 15.07
CA THR B 186 -11.57 17.02 16.08
C THR B 186 -11.95 18.39 16.61
N LEU B 187 -12.03 18.48 17.93
CA LEU B 187 -12.40 19.69 18.66
C LEU B 187 -11.35 19.96 19.74
N SER B 188 -11.22 21.21 20.15
CA SER B 188 -10.46 21.43 21.37
C SER B 188 -11.18 20.75 22.54
N LYS B 189 -10.43 20.43 23.60
CA LYS B 189 -11.08 19.91 24.80
C LYS B 189 -12.12 20.89 25.31
N ALA B 190 -11.80 22.18 25.29
CA ALA B 190 -12.74 23.17 25.81
C ALA B 190 -14.04 23.16 25.03
N ASP B 191 -13.97 23.08 23.70
CA ASP B 191 -15.17 23.04 22.88
C ASP B 191 -15.93 21.73 23.08
N TYR B 192 -15.20 20.62 23.18
CA TYR B 192 -15.85 19.33 23.41
C TYR B 192 -16.70 19.36 24.68
N GLU B 193 -16.21 20.02 25.72
CA GLU B 193 -16.87 20.01 27.01
C GLU B 193 -18.12 20.89 27.07
N LYS B 194 -18.36 21.73 26.06
CA LYS B 194 -19.53 22.61 26.02
C LYS B 194 -20.74 22.01 25.35
N HIS B 195 -20.65 20.76 24.91
CA HIS B 195 -21.76 20.15 24.20
C HIS B 195 -22.07 18.79 24.79
N LYS B 196 -23.31 18.36 24.60
CA LYS B 196 -23.81 17.10 25.17
C LYS B 196 -23.83 15.98 24.13
N VAL B 197 -24.41 16.23 22.97
CA VAL B 197 -24.74 15.17 22.02
C VAL B 197 -23.76 15.20 20.86
N TYR B 198 -23.12 14.06 20.60
CA TYR B 198 -22.22 13.89 19.47
C TYR B 198 -22.79 12.79 18.57
N ALA B 199 -22.88 13.08 17.28
CA ALA B 199 -23.56 12.14 16.39
C ALA B 199 -22.95 12.17 15.00
N CYS B 200 -22.90 11.00 14.40
CA CYS B 200 -22.56 10.95 12.99
CA CYS B 200 -22.51 10.81 13.02
C CYS B 200 -23.73 10.33 12.23
N GLU B 201 -24.03 10.99 11.11
CA GLU B 201 -25.18 10.63 10.28
C GLU B 201 -24.67 10.11 8.94
N VAL B 202 -25.13 8.92 8.58
CA VAL B 202 -24.55 8.18 7.46
C VAL B 202 -25.60 7.95 6.39
N THR B 203 -25.27 8.32 5.16
CA THR B 203 -26.09 8.09 3.97
C THR B 203 -25.37 7.09 3.08
N HIS B 204 -26.10 6.10 2.56
CA HIS B 204 -25.52 5.05 1.72
C HIS B 204 -26.65 4.35 0.97
N GLN B 205 -26.33 3.83 -0.21
CA GLN B 205 -27.31 3.13 -1.04
C GLN B 205 -28.04 2.02 -0.27
N GLY B 206 -27.35 1.36 0.65
CA GLY B 206 -28.01 0.26 1.35
C GLY B 206 -28.97 0.66 2.45
N LEU B 207 -29.09 1.96 2.71
CA LEU B 207 -29.92 2.50 3.78
C LEU B 207 -31.08 3.28 3.16
N SER B 208 -32.30 2.95 3.56
CA SER B 208 -33.44 3.64 2.96
C SER B 208 -33.57 5.07 3.47
N SER B 209 -33.04 5.36 4.65
CA SER B 209 -32.92 6.71 5.17
C SER B 209 -31.63 6.77 5.99
N PRO B 210 -31.09 7.96 6.22
CA PRO B 210 -29.82 8.08 6.94
C PRO B 210 -29.87 7.44 8.32
N VAL B 211 -28.77 6.82 8.71
CA VAL B 211 -28.60 6.26 10.05
C VAL B 211 -27.78 7.24 10.88
N THR B 212 -28.28 7.55 12.08
CA THR B 212 -27.55 8.39 13.01
C THR B 212 -27.08 7.54 14.19
N LYS B 213 -25.79 7.63 14.49
CA LYS B 213 -25.18 6.96 15.64
C LYS B 213 -24.66 8.03 16.59
N SER B 214 -25.02 7.96 17.87
CA SER B 214 -24.71 9.09 18.74
C SER B 214 -24.38 8.64 20.16
N PHE B 215 -23.80 9.57 20.92
CA PHE B 215 -23.59 9.37 22.35
C PHE B 215 -23.69 10.72 23.05
N ASN B 216 -23.91 10.67 24.36
CA ASN B 216 -23.86 11.85 25.20
C ASN B 216 -22.53 11.90 25.93
N ARG B 217 -21.86 13.04 25.85
CA ARG B 217 -20.62 13.23 26.59
C ARG B 217 -20.85 13.08 28.10
N ASN C 1 17.45 -5.06 -31.58
CA ASN C 1 17.74 -6.33 -30.91
C ASN C 1 17.79 -6.11 -29.40
N PRO C 2 17.55 -7.16 -28.62
CA PRO C 2 17.60 -7.00 -27.16
C PRO C 2 18.99 -6.62 -26.70
N ASP C 3 19.03 -5.87 -25.60
CA ASP C 3 20.26 -5.53 -24.94
C ASP C 3 20.43 -6.44 -23.73
N PRO C 4 21.34 -7.42 -23.76
CA PRO C 4 21.41 -8.39 -22.65
C PRO C 4 21.87 -7.81 -21.34
N ASN C 5 22.31 -6.55 -21.32
CA ASN C 5 22.71 -5.88 -20.10
C ASN C 5 21.62 -5.00 -19.52
N ALA C 6 20.43 -4.99 -20.14
CA ALA C 6 19.33 -4.25 -19.55
C ALA C 6 19.00 -4.80 -18.17
N ASN C 7 18.93 -6.13 -18.07
CA ASN C 7 18.79 -6.83 -16.79
C ASN C 7 19.71 -8.04 -16.83
N PRO C 8 20.88 -7.95 -16.19
CA PRO C 8 21.83 -9.08 -16.14
C PRO C 8 21.23 -10.39 -15.64
N ASN C 9 20.14 -10.31 -14.88
CA ASN C 9 19.50 -11.50 -14.33
C ASN C 9 18.81 -12.37 -15.37
N VAL C 10 18.62 -11.87 -16.58
CA VAL C 10 17.88 -12.58 -17.63
C VAL C 10 18.88 -13.29 -18.52
N ASP C 11 18.81 -14.62 -18.56
CA ASP C 11 19.62 -15.39 -19.49
C ASP C 11 18.77 -15.66 -20.72
N PRO C 12 19.01 -14.99 -21.85
CA PRO C 12 18.10 -15.12 -22.99
C PRO C 12 18.18 -16.47 -23.68
N ASN C 13 19.14 -17.31 -23.29
CA ASN C 13 19.34 -18.60 -23.96
C ASN C 13 19.09 -19.76 -23.01
N ALA C 14 18.35 -19.54 -21.93
CA ALA C 14 18.12 -20.58 -20.95
C ALA C 14 17.26 -21.70 -21.53
C1 GOL D . -9.83 9.40 9.56
O1 GOL D . -10.68 8.95 10.60
C2 GOL D . -8.40 8.79 9.68
O2 GOL D . -7.99 8.66 10.99
C3 GOL D . -8.48 7.46 8.93
O3 GOL D . -7.16 6.90 8.86
H11 GOL D . -9.74 10.37 9.56
H12 GOL D . -10.18 9.17 8.68
HO1 GOL D . -10.19 8.57 11.17
H2 GOL D . -7.74 9.37 9.27
HO2 GOL D . -7.62 9.40 11.21
H31 GOL D . -8.86 7.62 8.06
H32 GOL D . -9.11 6.88 9.39
HO3 GOL D . -6.78 7.10 9.59
#